data_5JU9
#
_entry.id   5JU9
#
_cell.length_a   36.680
_cell.length_b   53.630
_cell.length_c   82.140
_cell.angle_alpha   90.00
_cell.angle_beta   90.00
_cell.angle_gamma   90.00
#
_symmetry.space_group_name_H-M   'P 21 21 21'
#
loop_
_entity.id
_entity.type
_entity.pdbx_description
1 polymer beta-1,4-mannanase
2 branched beta-D-mannopyranose-(1-4)-beta-D-mannopyranose-(1-4)-alpha-D-mannopyranose
3 non-polymer 'CHLORIDE ION'
4 water water
#
_entity_poly.entity_id   1
_entity_poly.type   'polypeptide(L)'
_entity_poly.pdbx_seq_one_letter_code
;SACPSGATCGSYTVGGLGSRKQQVRNAGGSSLDLAVAMLETERMDTAYPYGDNKSGDAANFGIFKQNWLMLRSACAQFGG
QGAGQYDNGAALNSSLGQDVSCLHQSQSHYGLDAWFAGHRNGASGLSSPNTADIAAYKAAVYWIKAQLDADSANLGNDTR
FWVQVPAI
;
_entity_poly.pdbx_strand_id   A
#
# COMPACT_ATOMS: atom_id res chain seq x y z
N ALA A 2 -6.28 7.75 20.52
CA ALA A 2 -4.96 8.44 20.72
C ALA A 2 -3.92 7.83 19.80
N CYS A 3 -2.79 8.52 19.64
CA CYS A 3 -1.81 8.13 18.62
C CYS A 3 -0.98 6.92 19.03
N PRO A 4 -0.58 6.10 18.03
CA PRO A 4 0.24 4.91 18.32
C PRO A 4 1.67 5.26 18.78
N SER A 5 2.13 4.58 19.82
CA SER A 5 3.47 4.71 20.40
C SER A 5 4.29 5.93 19.98
N GLY A 6 3.98 7.08 20.57
CA GLY A 6 4.79 8.29 20.39
C GLY A 6 4.61 9.07 19.11
N ALA A 7 3.92 8.48 18.12
CA ALA A 7 3.81 9.05 16.79
C ALA A 7 2.82 10.19 16.81
N THR A 8 2.89 11.03 15.78
CA THR A 8 1.87 12.05 15.60
C THR A 8 0.84 11.55 14.56
N CYS A 9 -0.42 11.84 14.83
CA CYS A 9 -1.51 11.28 14.04
C CYS A 9 -2.70 12.20 14.03
N GLY A 10 -3.66 11.91 13.16
CA GLY A 10 -4.89 12.70 13.15
C GLY A 10 -5.82 12.31 12.04
N SER A 11 -6.76 13.19 11.73
CA SER A 11 -7.70 12.96 10.62
C SER A 11 -8.15 14.26 10.00
N TYR A 12 -8.53 14.19 8.73
CA TYR A 12 -9.09 15.34 8.05
C TYR A 12 -9.95 14.89 6.87
N THR A 13 -10.68 15.83 6.30
CA THR A 13 -11.62 15.53 5.22
C THR A 13 -10.97 15.73 3.86
N VAL A 14 -11.20 14.77 2.96
CA VAL A 14 -10.70 14.81 1.59
C VAL A 14 -11.91 14.66 0.67
N GLY A 15 -12.19 15.69 -0.11
CA GLY A 15 -13.34 15.67 -1.01
C GLY A 15 -13.27 14.53 -1.99
N GLY A 16 -14.37 13.80 -2.12
CA GLY A 16 -14.45 12.68 -3.04
C GLY A 16 -13.91 11.37 -2.51
N LEU A 17 -13.29 11.37 -1.32
CA LEU A 17 -12.60 10.17 -0.87
C LEU A 17 -13.60 9.08 -0.55
N GLY A 18 -14.77 9.41 -0.03
CA GLY A 18 -15.75 8.36 0.28
C GLY A 18 -16.15 7.53 -0.92
N SER A 19 -16.42 8.20 -2.03
CA SER A 19 -16.79 7.49 -3.26
CA SER A 19 -16.78 7.51 -3.27
C SER A 19 -15.62 6.62 -3.72
N ARG A 20 -14.39 7.11 -3.57
CA ARG A 20 -13.24 6.34 -3.92
C ARG A 20 -13.04 5.10 -3.01
N LYS A 21 -13.25 5.26 -1.71
CA LYS A 21 -13.20 4.11 -0.80
C LYS A 21 -14.16 3.03 -1.28
N GLN A 22 -15.37 3.43 -1.65
CA GLN A 22 -16.38 2.48 -2.11
C GLN A 22 -15.89 1.74 -3.39
N GLN A 23 -15.21 2.45 -4.29
CA GLN A 23 -14.67 1.83 -5.50
C GLN A 23 -13.59 0.83 -5.15
N VAL A 24 -12.72 1.19 -4.21
CA VAL A 24 -11.65 0.26 -3.80
C VAL A 24 -12.22 -1.01 -3.17
N ARG A 25 -13.26 -0.84 -2.34
CA ARG A 25 -13.93 -2.02 -1.74
C ARG A 25 -14.59 -2.85 -2.81
N ASN A 26 -15.24 -2.22 -3.77
CA ASN A 26 -15.88 -2.98 -4.84
C ASN A 26 -14.86 -3.75 -5.71
N ALA A 27 -13.63 -3.23 -5.79
CA ALA A 27 -12.55 -3.92 -6.48
C ALA A 27 -11.86 -4.98 -5.66
N GLY A 28 -12.34 -5.25 -4.45
CA GLY A 28 -11.82 -6.32 -3.63
C GLY A 28 -10.97 -5.90 -2.47
N GLY A 29 -10.86 -4.60 -2.24
CA GLY A 29 -10.06 -4.12 -1.10
C GLY A 29 -10.73 -4.37 0.24
N SER A 30 -10.00 -5.01 1.14
CA SER A 30 -10.42 -5.18 2.51
C SER A 30 -10.14 -3.92 3.34
N SER A 31 -10.49 -3.93 4.63
CA SER A 31 -10.13 -2.83 5.50
CA SER A 31 -10.12 -2.81 5.49
C SER A 31 -8.61 -2.67 5.67
N LEU A 32 -7.87 -3.79 5.68
CA LEU A 32 -6.41 -3.70 5.66
C LEU A 32 -5.90 -3.02 4.40
N ASP A 33 -6.46 -3.41 3.26
CA ASP A 33 -6.05 -2.78 1.99
C ASP A 33 -6.38 -1.31 2.01
N LEU A 34 -7.57 -0.94 2.49
CA LEU A 34 -7.93 0.45 2.58
C LEU A 34 -6.97 1.21 3.50
N ALA A 35 -6.56 0.61 4.61
CA ALA A 35 -5.63 1.27 5.51
C ALA A 35 -4.28 1.52 4.85
N VAL A 36 -3.76 0.54 4.12
CA VAL A 36 -2.50 0.73 3.39
C VAL A 36 -2.67 1.87 2.38
N ALA A 37 -3.73 1.82 1.60
CA ALA A 37 -3.96 2.87 0.59
C ALA A 37 -4.08 4.24 1.27
N MET A 38 -4.78 4.30 2.40
CA MET A 38 -4.99 5.54 3.11
C MET A 38 -3.68 6.14 3.60
N LEU A 39 -2.78 5.29 4.05
CA LEU A 39 -1.47 5.75 4.51
C LEU A 39 -0.66 6.31 3.34
N GLU A 40 -0.78 5.69 2.16
CA GLU A 40 0.10 6.01 1.05
C GLU A 40 -0.26 7.25 0.23
N THR A 41 -1.54 7.53 0.03
CA THR A 41 -1.95 8.73 -0.71
C THR A 41 -3.22 9.29 -0.11
N GLU A 42 -3.50 10.55 -0.41
CA GLU A 42 -4.67 11.27 0.11
CA GLU A 42 -4.72 11.18 0.14
C GLU A 42 -5.98 10.79 -0.54
N ARG A 43 -5.92 10.60 -1.86
CA ARG A 43 -7.11 10.36 -2.65
C ARG A 43 -7.19 8.92 -3.12
N MET A 44 -6.33 8.04 -2.61
CA MET A 44 -6.30 6.65 -3.06
C MET A 44 -6.15 6.57 -4.58
N ASP A 45 -5.14 7.27 -5.08
CA ASP A 45 -4.92 7.40 -6.50
C ASP A 45 -3.45 7.21 -6.82
N THR A 46 -3.09 7.44 -8.08
CA THR A 46 -1.74 7.20 -8.55
C THR A 46 -1.13 8.46 -9.16
N ALA A 47 -1.55 9.62 -8.67
CA ALA A 47 -1.06 10.90 -9.18
C ALA A 47 0.26 11.31 -8.58
N TYR A 48 0.81 10.53 -7.65
CA TYR A 48 2.15 10.78 -7.13
C TYR A 48 3.16 10.64 -8.27
N PRO A 49 4.40 11.10 -8.10
CA PRO A 49 5.32 11.07 -9.22
C PRO A 49 5.52 9.65 -9.75
N TYR A 50 5.77 9.52 -11.05
CA TYR A 50 5.97 8.23 -11.68
C TYR A 50 7.03 7.41 -10.92
N GLY A 51 6.67 6.18 -10.56
CA GLY A 51 7.57 5.32 -9.80
C GLY A 51 7.85 5.78 -8.39
N ASP A 52 7.13 6.80 -7.94
CA ASP A 52 7.46 7.60 -6.76
C ASP A 52 8.93 8.05 -6.78
N ASN A 53 9.37 8.46 -7.97
CA ASN A 53 10.74 8.96 -8.17
C ASN A 53 11.85 7.95 -7.89
N LYS A 54 11.50 6.68 -8.01
CA LYS A 54 12.46 5.59 -7.91
C LYS A 54 12.40 4.79 -9.19
N SER A 55 13.49 4.10 -9.51
CA SER A 55 13.60 3.25 -10.69
C SER A 55 14.01 1.84 -10.29
N GLY A 56 13.77 0.90 -11.19
CA GLY A 56 14.16 -0.48 -10.94
C GLY A 56 13.26 -1.13 -9.89
N ASP A 57 13.88 -2.01 -9.11
CA ASP A 57 13.13 -2.78 -8.14
C ASP A 57 12.45 -1.93 -7.06
N ALA A 58 12.95 -0.73 -6.81
CA ALA A 58 12.38 0.15 -5.82
C ALA A 58 11.19 0.97 -6.33
N ALA A 59 10.97 0.99 -7.66
CA ALA A 59 9.90 1.82 -8.21
C ALA A 59 8.55 1.38 -7.65
N ASN A 60 7.71 2.38 -7.36
CA ASN A 60 6.39 2.14 -6.76
CA ASN A 60 6.38 2.19 -6.75
C ASN A 60 5.27 2.43 -7.76
N PHE A 61 4.27 1.53 -7.76
CA PHE A 61 3.15 1.62 -8.68
C PHE A 61 1.84 1.31 -7.96
N GLY A 62 0.75 1.86 -8.49
CA GLY A 62 -0.58 1.60 -7.97
C GLY A 62 -0.88 2.38 -6.69
N ILE A 63 -2.10 2.22 -6.19
CA ILE A 63 -2.54 3.02 -5.07
C ILE A 63 -1.91 2.59 -3.74
N PHE A 64 -1.33 1.39 -3.70
CA PHE A 64 -0.67 0.92 -2.50
C PHE A 64 0.82 1.18 -2.51
N LYS A 65 1.34 1.74 -3.61
CA LYS A 65 2.78 1.97 -3.79
C LYS A 65 3.57 0.67 -3.64
N GLN A 66 3.05 -0.40 -4.23
CA GLN A 66 3.78 -1.64 -4.34
C GLN A 66 5.05 -1.46 -5.13
N ASN A 67 6.12 -2.10 -4.69
CA ASN A 67 7.39 -1.99 -5.39
C ASN A 67 7.56 -3.07 -6.45
N TRP A 68 8.37 -2.74 -7.46
CA TRP A 68 8.56 -3.63 -8.59
C TRP A 68 9.20 -4.96 -8.21
N LEU A 69 10.11 -4.98 -7.23
CA LEU A 69 10.63 -6.27 -6.80
C LEU A 69 9.50 -7.23 -6.42
N MET A 70 8.57 -6.75 -5.61
CA MET A 70 7.52 -7.61 -5.10
CA MET A 70 7.53 -7.65 -5.12
C MET A 70 6.54 -7.97 -6.20
N LEU A 71 6.22 -7.00 -7.06
CA LEU A 71 5.32 -7.24 -8.17
C LEU A 71 5.86 -8.33 -9.10
N ARG A 72 7.13 -8.21 -9.49
CA ARG A 72 7.69 -9.19 -10.42
C ARG A 72 7.95 -10.51 -9.77
N SER A 73 8.13 -10.55 -8.47
CA SER A 73 8.36 -11.79 -7.76
C SER A 73 7.10 -12.57 -7.49
N ALA A 74 5.98 -11.86 -7.30
CA ALA A 74 4.76 -12.50 -6.77
C ALA A 74 3.57 -12.51 -7.71
N CYS A 75 3.46 -11.53 -8.59
CA CYS A 75 2.24 -11.37 -9.37
CA CYS A 75 2.21 -11.26 -9.36
C CYS A 75 2.35 -11.96 -10.73
N ALA A 76 1.33 -12.73 -11.11
CA ALA A 76 1.40 -13.45 -12.37
C ALA A 76 1.59 -12.56 -13.59
N GLN A 77 0.96 -11.38 -13.58
CA GLN A 77 1.01 -10.30 -14.59
CA GLN A 77 1.11 -10.61 -14.81
C GLN A 77 2.49 -10.00 -14.98
N PHE A 78 3.38 -10.10 -14.00
CA PHE A 78 4.77 -9.66 -14.14
C PHE A 78 5.77 -10.81 -14.00
N GLY A 79 5.30 -12.07 -14.10
CA GLY A 79 6.13 -13.24 -13.90
C GLY A 79 7.32 -13.28 -14.84
N GLY A 80 8.47 -13.64 -14.29
CA GLY A 80 9.69 -13.78 -15.08
C GLY A 80 10.41 -12.50 -15.45
N GLN A 81 9.84 -11.35 -15.11
CA GLN A 81 10.42 -10.08 -15.52
C GLN A 81 11.56 -9.68 -14.59
N GLY A 82 12.48 -8.89 -15.12
CA GLY A 82 13.62 -8.41 -14.39
C GLY A 82 13.48 -6.99 -13.85
N ALA A 83 14.42 -6.58 -13.00
CA ALA A 83 14.40 -5.25 -12.39
C ALA A 83 14.34 -4.14 -13.44
N GLY A 84 15.06 -4.32 -14.53
CA GLY A 84 15.10 -3.26 -15.53
C GLY A 84 13.82 -3.07 -16.33
N GLN A 85 12.88 -4.01 -16.20
CA GLN A 85 11.58 -3.97 -16.85
C GLN A 85 10.52 -3.25 -16.02
N TYR A 86 10.97 -2.52 -14.99
CA TYR A 86 10.07 -1.86 -14.05
C TYR A 86 8.99 -0.98 -14.64
N ASP A 87 9.22 -0.39 -15.79
CA ASP A 87 8.17 0.43 -16.40
C ASP A 87 6.89 -0.35 -16.67
N ASN A 88 6.99 -1.67 -16.80
CA ASN A 88 5.80 -2.47 -16.98
C ASN A 88 4.86 -2.41 -15.79
N GLY A 89 5.38 -2.08 -14.61
CA GLY A 89 4.52 -1.95 -13.42
C GLY A 89 3.51 -0.84 -13.52
N ALA A 90 3.76 0.13 -14.41
CA ALA A 90 2.86 1.24 -14.58
C ALA A 90 1.48 0.84 -15.05
N ALA A 91 1.31 -0.38 -15.54
CA ALA A 91 -0.03 -0.88 -15.85
C ALA A 91 -0.95 -0.74 -14.63
N LEU A 92 -0.40 -0.89 -13.43
CA LEU A 92 -1.24 -0.81 -12.21
C LEU A 92 -1.76 0.60 -11.99
N ASN A 93 -1.12 1.61 -12.57
CA ASN A 93 -1.56 2.98 -12.38
C ASN A 93 -2.88 3.29 -13.05
N SER A 94 -3.27 2.46 -14.02
CA SER A 94 -4.55 2.66 -14.71
C SER A 94 -5.53 1.51 -14.55
N SER A 95 -5.24 0.54 -13.70
CA SER A 95 -6.15 -0.58 -13.45
C SER A 95 -6.22 -0.88 -11.98
N LEU A 96 -7.28 -0.41 -11.32
CA LEU A 96 -7.47 -0.66 -9.92
C LEU A 96 -7.68 -2.15 -9.66
N GLY A 97 -8.41 -2.83 -10.52
CA GLY A 97 -8.64 -4.24 -10.32
C GLY A 97 -7.35 -5.04 -10.36
N GLN A 98 -6.47 -4.74 -11.31
CA GLN A 98 -5.18 -5.42 -11.37
C GLN A 98 -4.30 -5.08 -10.17
N ASP A 99 -4.38 -3.83 -9.73
CA ASP A 99 -3.61 -3.36 -8.57
C ASP A 99 -3.98 -4.18 -7.31
N VAL A 100 -5.30 -4.31 -7.07
CA VAL A 100 -5.76 -5.07 -5.92
C VAL A 100 -5.40 -6.56 -6.08
N SER A 101 -5.58 -7.11 -7.29
CA SER A 101 -5.20 -8.50 -7.52
C SER A 101 -3.74 -8.74 -7.21
N CYS A 102 -2.88 -7.86 -7.67
CA CYS A 102 -1.47 -7.98 -7.39
C CYS A 102 -1.17 -7.88 -5.91
N LEU A 103 -1.83 -6.95 -5.23
CA LEU A 103 -1.62 -6.81 -3.78
C LEU A 103 -1.92 -8.13 -3.08
N HIS A 104 -3.05 -8.75 -3.42
CA HIS A 104 -3.43 -9.99 -2.77
C HIS A 104 -2.46 -11.12 -3.10
N GLN A 105 -2.03 -11.21 -4.38
CA GLN A 105 -1.04 -12.22 -4.75
C GLN A 105 0.26 -12.01 -3.98
N SER A 106 0.69 -10.76 -3.83
CA SER A 106 1.93 -10.47 -3.13
C SER A 106 1.83 -10.82 -1.64
N GLN A 107 0.72 -10.44 -1.01
CA GLN A 107 0.56 -10.77 0.39
C GLN A 107 0.53 -12.27 0.62
N SER A 108 -0.11 -13.02 -0.27
CA SER A 108 -0.16 -14.47 -0.15
CA SER A 108 -0.14 -14.48 -0.17
C SER A 108 1.23 -15.08 -0.40
N HIS A 109 1.98 -14.55 -1.35
CA HIS A 109 3.30 -15.09 -1.69
C HIS A 109 4.25 -14.98 -0.53
N TYR A 110 4.28 -13.81 0.10
CA TYR A 110 5.22 -13.54 1.16
C TYR A 110 4.76 -13.93 2.55
N GLY A 111 3.44 -14.00 2.74
CA GLY A 111 2.82 -13.96 4.06
C GLY A 111 2.77 -12.51 4.54
N LEU A 112 1.79 -12.17 5.39
CA LEU A 112 1.55 -10.77 5.64
C LEU A 112 2.68 -10.08 6.41
N ASP A 113 3.25 -10.74 7.42
CA ASP A 113 4.29 -10.09 8.19
C ASP A 113 5.52 -9.77 7.30
N ALA A 114 5.96 -10.72 6.48
CA ALA A 114 7.07 -10.50 5.54
C ALA A 114 6.69 -9.49 4.45
N TRP A 115 5.44 -9.52 4.03
CA TRP A 115 4.97 -8.56 3.06
C TRP A 115 5.18 -7.13 3.57
N PHE A 116 4.85 -6.88 4.83
CA PHE A 116 5.04 -5.55 5.40
C PHE A 116 6.51 -5.13 5.29
N ALA A 117 7.43 -6.06 5.58
CA ALA A 117 8.85 -5.75 5.55
C ALA A 117 9.31 -5.38 4.15
N GLY A 118 8.90 -6.15 3.16
CA GLY A 118 9.29 -5.81 1.78
C GLY A 118 8.57 -4.59 1.25
N HIS A 119 7.33 -4.40 1.63
CA HIS A 119 6.58 -3.22 1.19
C HIS A 119 7.25 -1.94 1.71
N ARG A 120 7.66 -1.97 2.97
CA ARG A 120 8.29 -0.83 3.59
C ARG A 120 9.70 -0.63 3.09
N ASN A 121 10.49 -1.73 3.02
CA ASN A 121 11.93 -1.58 2.82
C ASN A 121 12.52 -2.48 1.77
N GLY A 122 11.73 -2.96 0.83
CA GLY A 122 12.28 -3.67 -0.31
C GLY A 122 13.09 -4.90 0.00
N ALA A 123 14.09 -5.17 -0.83
CA ALA A 123 14.92 -6.35 -0.61
C ALA A 123 15.59 -6.33 0.77
N SER A 124 16.04 -5.16 1.20
CA SER A 124 16.65 -5.02 2.53
C SER A 124 15.67 -5.42 3.62
N GLY A 125 14.41 -5.02 3.47
CA GLY A 125 13.38 -5.44 4.43
C GLY A 125 13.11 -6.91 4.43
N LEU A 126 13.08 -7.53 3.26
CA LEU A 126 12.83 -8.99 3.25
C LEU A 126 13.94 -9.74 3.98
N SER A 127 15.18 -9.26 3.85
CA SER A 127 16.28 -9.97 4.51
CA SER A 127 16.39 -9.84 4.47
C SER A 127 16.48 -9.57 5.96
N SER A 128 16.02 -8.38 6.36
CA SER A 128 16.02 -7.92 7.77
C SER A 128 14.62 -7.40 8.14
N PRO A 129 13.66 -8.32 8.37
CA PRO A 129 12.24 -7.90 8.42
C PRO A 129 11.74 -7.42 9.79
N ASN A 130 12.56 -7.58 10.82
CA ASN A 130 12.15 -7.33 12.18
C ASN A 130 12.74 -6.04 12.76
N THR A 131 12.93 -5.03 11.94
CA THR A 131 13.49 -3.77 12.40
C THR A 131 12.43 -2.89 13.09
N ALA A 132 12.94 -1.94 13.84
CA ALA A 132 12.11 -0.95 14.49
C ALA A 132 11.32 -0.11 13.48
N ASP A 133 11.94 0.28 12.38
CA ASP A 133 11.26 1.08 11.38
C ASP A 133 10.11 0.30 10.71
N ILE A 134 10.35 -0.97 10.39
CA ILE A 134 9.28 -1.79 9.80
C ILE A 134 8.13 -1.97 10.81
N ALA A 135 8.49 -2.19 12.08
CA ALA A 135 7.47 -2.29 13.12
C ALA A 135 6.63 -1.02 13.24
N ALA A 136 7.25 0.15 13.10
CA ALA A 136 6.53 1.41 13.17
C ALA A 136 5.58 1.57 11.97
N TYR A 137 6.01 1.15 10.79
CA TYR A 137 5.16 1.22 9.60
C TYR A 137 3.92 0.34 9.78
N LYS A 138 4.15 -0.88 10.23
CA LYS A 138 3.07 -1.83 10.47
C LYS A 138 2.11 -1.27 11.52
N ALA A 139 2.65 -0.65 12.58
CA ALA A 139 1.81 -0.06 13.61
C ALA A 139 0.93 1.06 13.08
N ALA A 140 1.48 1.85 12.17
CA ALA A 140 0.71 2.91 11.55
C ALA A 140 -0.46 2.36 10.73
N VAL A 141 -0.18 1.34 9.93
CA VAL A 141 -1.24 0.71 9.13
C VAL A 141 -2.32 0.15 10.04
N TYR A 142 -1.93 -0.58 11.09
CA TYR A 142 -2.92 -1.21 11.97
C TYR A 142 -3.71 -0.18 12.79
N TRP A 143 -3.09 0.96 13.11
CA TRP A 143 -3.83 2.02 13.78
C TRP A 143 -4.91 2.58 12.86
N ILE A 144 -4.55 2.86 11.61
CA ILE A 144 -5.54 3.31 10.66
C ILE A 144 -6.64 2.26 10.53
N LYS A 145 -6.25 1.00 10.38
CA LYS A 145 -7.23 -0.06 10.24
C LYS A 145 -8.18 -0.09 11.44
N ALA A 146 -7.65 0.11 12.65
CA ALA A 146 -8.53 0.13 13.83
C ALA A 146 -9.58 1.23 13.74
N GLN A 147 -9.20 2.40 13.21
CA GLN A 147 -10.17 3.49 13.04
C GLN A 147 -11.25 3.10 12.02
N LEU A 148 -10.84 2.45 10.95
CA LEU A 148 -11.80 1.98 9.98
C LEU A 148 -12.73 0.89 10.54
N ASP A 149 -12.17 -0.02 11.31
CA ASP A 149 -12.90 -1.13 11.90
C ASP A 149 -13.85 -0.69 13.00
N ALA A 150 -13.51 0.38 13.71
CA ALA A 150 -14.31 0.80 14.85
C ALA A 150 -15.61 1.49 14.46
N ASP A 151 -15.67 2.05 13.25
CA ASP A 151 -16.88 2.73 12.82
C ASP A 151 -17.00 2.55 11.32
N SER A 152 -17.99 1.78 10.89
CA SER A 152 -18.14 1.48 9.48
C SER A 152 -18.44 2.68 8.60
N ALA A 153 -18.90 3.80 9.17
CA ALA A 153 -19.03 5.02 8.38
C ALA A 153 -17.68 5.39 7.74
N ASN A 154 -16.58 5.05 8.40
CA ASN A 154 -15.25 5.38 7.90
C ASN A 154 -14.87 4.60 6.65
N LEU A 155 -15.63 3.55 6.31
CA LEU A 155 -15.41 2.82 5.07
C LEU A 155 -15.97 3.55 3.84
N GLY A 156 -16.83 4.56 4.04
CA GLY A 156 -17.48 5.24 2.95
C GLY A 156 -17.54 6.75 3.03
N ASN A 157 -16.94 7.35 4.05
CA ASN A 157 -17.01 8.79 4.23
C ASN A 157 -15.72 9.43 3.70
N ASP A 158 -15.62 10.76 3.83
CA ASP A 158 -14.51 11.50 3.27
C ASP A 158 -13.31 11.63 4.23
N THR A 159 -13.30 10.90 5.34
CA THR A 159 -12.27 11.07 6.34
C THR A 159 -11.02 10.27 5.99
N ARG A 160 -9.89 10.96 6.04
CA ARG A 160 -8.56 10.32 5.99
C ARG A 160 -7.94 10.37 7.37
N PHE A 161 -7.58 9.20 7.89
CA PHE A 161 -6.77 9.07 9.10
C PHE A 161 -5.32 8.95 8.68
N TRP A 162 -4.43 9.58 9.44
CA TRP A 162 -3.01 9.58 9.10
C TRP A 162 -2.14 9.41 10.35
N VAL A 163 -0.96 8.84 10.11
CA VAL A 163 0.09 8.69 11.10
C VAL A 163 1.35 9.17 10.42
N GLN A 164 2.16 9.96 11.11
CA GLN A 164 3.43 10.34 10.48
C GLN A 164 4.46 9.20 10.58
N VAL A 165 4.92 8.75 9.41
CA VAL A 165 6.03 7.82 9.30
C VAL A 165 7.09 8.48 8.40
N PRO A 166 8.38 8.23 8.69
CA PRO A 166 9.42 8.81 7.81
C PRO A 166 9.37 8.28 6.38
N ALA A 167 9.59 9.16 5.40
CA ALA A 167 9.72 8.77 4.00
C ALA A 167 11.10 8.18 3.79
N ILE A 168 11.17 6.98 3.22
CA ILE A 168 12.46 6.30 2.99
C ILE A 168 12.60 5.85 1.54
#